data_8JNQ
#
_entry.id   8JNQ
#
_cell.length_a   65.730
_cell.length_b   68.436
_cell.length_c   108.262
_cell.angle_alpha   90.000
_cell.angle_beta   90.000
_cell.angle_gamma   90.000
#
_symmetry.space_group_name_H-M   'P 21 21 21'
#
loop_
_entity.id
_entity.type
_entity.pdbx_description
1 polymer 'Cytochrome P450'
2 non-polymer (1Z,3E,5E,7S,8R,10S,11R,13R,15R,16E,18E,25S)-11-ethyl-2,7-dihydroxy-10-methyl-21,26-diazatetracyclo[23.2.1.09,13.08,15]octacosa-1(2),3,5,16,18-pentaene-20,27,28-trione
3 non-polymer 'PROTOPORPHYRIN IX CONTAINING FE'
4 non-polymer 'SODIUM ION'
5 water water
#
_entity_poly.entity_id   1
_entity_poly.type   'polypeptide(L)'
_entity_poly.pdbx_seq_one_letter_code
;MPDQHPPLPYPFAPRGLDLDPAYAELRERAPARIRMPYGDDAWLVTRYEDVRTVLADPRFSLAASMGRDQPRMRPVARTG
AGLFSTEPPEHTRLRSLVARQFSARRVEPLRARAGQLADELIDGMVVAGQPADLVEDFAIPMPTTIICEVLGIPAKDHRM
LWHWAETVLSAITPQEVLATEGRAFVEYMVGVLELRGREPGDDLLTALVRACREEGLISEEELLSIACDLLIAGFVSTTN
QIGNFFHQLLVHPEELTRLRERPELIPKAVEELMRYVPLLTGFNLARYATADVELGGITIRAGEAVMIATAAANRDPEVF
QEPERLVMDRGANPHIGFGHGVHYCVGAHLARLELQVAIERVLHRLPGMRLAVPESELSWKQDAMVNGLQALPVAW
;
_entity_poly.pdbx_strand_id   A
#
loop_
_chem_comp.id
_chem_comp.type
_chem_comp.name
_chem_comp.formula
EIU non-polymer (1Z,3E,5E,7S,8R,10S,11R,13R,15R,16E,18E,25S)-11-ethyl-2,7-dihydroxy-10-methyl-21,26-diazatetracyclo[23.2.1.09,13.08,15]octacosa-1(2),3,5,16,18-pentaene-20,27,28-trione 'C29 H40 N2 O5'
HEM non-polymer 'PROTOPORPHYRIN IX CONTAINING FE' 'C34 H32 Fe N4 O4'
NA non-polymer 'SODIUM ION' 'Na 1'
#
# COMPACT_ATOMS: atom_id res chain seq x y z
N PRO A 7 -28.05 6.45 0.12
CA PRO A 7 -26.73 5.80 0.06
C PRO A 7 -25.67 6.57 0.86
N LEU A 8 -24.77 5.83 1.49
CA LEU A 8 -23.81 6.42 2.43
C LEU A 8 -22.65 7.07 1.68
N PRO A 9 -22.36 8.35 1.90
CA PRO A 9 -21.19 8.94 1.24
C PRO A 9 -19.89 8.28 1.71
N TYR A 10 -19.01 8.01 0.76
CA TYR A 10 -17.83 7.20 1.04
C TYR A 10 -16.70 7.73 0.19
N PRO A 11 -15.43 7.57 0.63
CA PRO A 11 -15.00 7.07 1.93
C PRO A 11 -15.19 8.11 3.03
N PHE A 12 -15.09 7.72 4.30
CA PHE A 12 -15.17 8.72 5.37
C PHE A 12 -13.91 9.58 5.42
N ALA A 13 -14.06 10.76 5.98
CA ALA A 13 -12.93 11.65 6.20
C ALA A 13 -12.08 11.07 7.31
N PRO A 14 -10.79 10.78 7.07
CA PRO A 14 -9.96 10.22 8.13
C PRO A 14 -9.67 11.25 9.22
N ARG A 15 -9.59 10.77 10.46
CA ARG A 15 -9.15 11.58 11.59
C ARG A 15 -7.87 10.93 12.10
N GLY A 16 -6.72 11.45 11.66
CA GLY A 16 -5.46 10.76 11.94
C GLY A 16 -5.53 9.32 11.46
N LEU A 17 -5.11 8.41 12.33
CA LEU A 17 -5.23 6.98 12.07
C LEU A 17 -6.32 6.35 12.91
N ASP A 18 -7.29 7.15 13.38
CA ASP A 18 -8.45 6.57 14.04
C ASP A 18 -9.27 5.78 13.04
N LEU A 19 -9.78 4.64 13.47
CA LEU A 19 -10.76 3.91 12.68
C LEU A 19 -12.12 4.57 12.90
N ASP A 20 -12.81 4.90 11.82
CA ASP A 20 -14.07 5.61 11.95
C ASP A 20 -15.05 4.78 12.79
N PRO A 21 -15.66 5.36 13.83
CA PRO A 21 -16.58 4.57 14.67
C PRO A 21 -17.79 4.04 13.93
N ALA A 22 -18.12 4.57 12.74
CA ALA A 22 -19.25 4.04 11.99
C ALA A 22 -19.05 2.57 11.59
N TYR A 23 -17.80 2.15 11.45
CA TYR A 23 -17.56 0.78 10.98
C TYR A 23 -18.09 -0.24 11.98
N ALA A 24 -18.06 0.09 13.27
CA ALA A 24 -18.53 -0.84 14.29
C ALA A 24 -19.99 -1.20 14.07
N GLU A 25 -20.84 -0.21 13.81
CA GLU A 25 -22.24 -0.53 13.50
C GLU A 25 -22.36 -1.14 12.11
N LEU A 26 -21.53 -0.70 11.15
CA LEU A 26 -21.65 -1.23 9.79
C LEU A 26 -21.45 -2.74 9.75
N ARG A 27 -20.50 -3.26 10.54
CA ARG A 27 -20.23 -4.69 10.53
C ARG A 27 -21.42 -5.52 11.01
N GLU A 28 -22.35 -4.92 11.76
CA GLU A 28 -23.46 -5.65 12.35
C GLU A 28 -24.78 -5.48 11.58
N ARG A 29 -24.70 -5.04 10.32
CA ARG A 29 -25.85 -4.97 9.44
C ARG A 29 -25.45 -5.56 8.10
N ALA A 30 -26.43 -5.70 7.21
CA ALA A 30 -26.13 -6.14 5.86
C ALA A 30 -25.18 -5.16 5.19
N PRO A 31 -24.47 -5.60 4.16
CA PRO A 31 -23.59 -4.68 3.42
C PRO A 31 -24.36 -3.42 3.02
N ALA A 32 -23.69 -2.27 3.11
CA ALA A 32 -24.33 -0.98 2.93
C ALA A 32 -24.14 -0.44 1.51
N ARG A 33 -25.10 0.36 1.05
CA ARG A 33 -24.96 1.04 -0.23
C ARG A 33 -24.18 2.33 -0.01
N ILE A 34 -23.14 2.55 -0.80
CA ILE A 34 -22.26 3.70 -0.64
C ILE A 34 -22.20 4.46 -1.96
N ARG A 35 -21.96 5.76 -1.86
CA ARG A 35 -21.71 6.58 -3.04
C ARG A 35 -20.32 7.18 -2.91
N MET A 36 -19.45 6.87 -3.86
CA MET A 36 -18.11 7.40 -3.96
C MET A 36 -18.13 8.77 -4.64
N PRO A 37 -17.00 9.48 -4.65
CA PRO A 37 -16.99 10.80 -5.33
C PRO A 37 -17.39 10.73 -6.80
N TYR A 38 -17.12 9.61 -7.47
CA TYR A 38 -17.44 9.46 -8.89
C TYR A 38 -17.91 8.03 -9.13
N GLY A 39 -18.63 7.83 -10.23
CA GLY A 39 -18.98 6.51 -10.71
C GLY A 39 -20.23 5.90 -10.11
N ASP A 40 -20.41 4.60 -10.38
CA ASP A 40 -21.52 3.83 -9.86
C ASP A 40 -21.54 3.81 -8.33
N ASP A 41 -22.75 3.65 -7.78
CA ASP A 41 -22.89 3.27 -6.39
C ASP A 41 -22.36 1.84 -6.18
N ALA A 42 -22.14 1.48 -4.92
CA ALA A 42 -21.56 0.17 -4.67
C ALA A 42 -22.07 -0.41 -3.36
N TRP A 43 -21.83 -1.71 -3.19
CA TRP A 43 -22.00 -2.36 -1.90
C TRP A 43 -20.69 -2.26 -1.14
N LEU A 44 -20.76 -1.96 0.15
CA LEU A 44 -19.58 -1.86 1.00
C LEU A 44 -19.62 -3.03 1.98
N VAL A 45 -18.56 -3.82 1.99
CA VAL A 45 -18.47 -4.99 2.85
C VAL A 45 -17.40 -4.74 3.88
N THR A 46 -17.73 -4.96 5.16
CA THR A 46 -16.87 -4.64 6.28
C THR A 46 -16.65 -5.82 7.23
N ARG A 47 -17.56 -6.78 7.25
CA ARG A 47 -17.41 -7.94 8.10
C ARG A 47 -16.26 -8.80 7.59
N TYR A 48 -15.40 -9.27 8.50
CA TYR A 48 -14.20 -9.99 8.07
C TYR A 48 -14.55 -11.10 7.09
N GLU A 49 -15.48 -11.97 7.47
CA GLU A 49 -15.81 -13.10 6.61
C GLU A 49 -16.36 -12.64 5.27
N ASP A 50 -17.17 -11.58 5.27
CA ASP A 50 -17.68 -11.04 4.02
C ASP A 50 -16.54 -10.49 3.16
N VAL A 51 -15.57 -9.83 3.78
CA VAL A 51 -14.47 -9.27 3.00
C VAL A 51 -13.62 -10.38 2.40
N ARG A 52 -13.35 -11.43 3.17
CA ARG A 52 -12.56 -12.54 2.64
C ARG A 52 -13.29 -13.19 1.46
N THR A 53 -14.62 -13.28 1.54
CA THR A 53 -15.39 -13.87 0.44
C THR A 53 -15.24 -13.04 -0.83
N VAL A 54 -15.39 -11.72 -0.72
CA VAL A 54 -15.21 -10.86 -1.89
C VAL A 54 -13.82 -11.03 -2.49
N LEU A 55 -12.80 -11.16 -1.64
CA LEU A 55 -11.43 -11.27 -2.15
C LEU A 55 -11.13 -12.65 -2.73
N ALA A 56 -11.85 -13.69 -2.32
CA ALA A 56 -11.53 -15.05 -2.75
C ALA A 56 -12.50 -15.63 -3.77
N ASP A 57 -13.74 -15.17 -3.80
CA ASP A 57 -14.75 -15.74 -4.70
C ASP A 57 -14.56 -15.19 -6.11
N PRO A 58 -14.41 -16.03 -7.12
CA PRO A 58 -14.11 -15.53 -8.47
C PRO A 58 -15.28 -14.81 -9.12
N ARG A 59 -16.46 -14.84 -8.50
CA ARG A 59 -17.57 -14.06 -9.04
C ARG A 59 -17.39 -12.56 -8.83
N PHE A 60 -16.45 -12.15 -7.98
CA PHE A 60 -16.10 -10.74 -7.78
C PHE A 60 -14.80 -10.48 -8.53
N SER A 61 -14.87 -9.65 -9.57
CA SER A 61 -13.80 -9.59 -10.57
C SER A 61 -13.32 -8.16 -10.78
N LEU A 62 -12.00 -7.98 -10.83
CA LEU A 62 -11.45 -6.70 -11.26
C LEU A 62 -11.41 -6.59 -12.77
N ALA A 63 -11.35 -7.71 -13.48
CA ALA A 63 -11.48 -7.66 -14.93
C ALA A 63 -12.85 -7.13 -15.35
N ALA A 64 -13.90 -7.54 -14.64
CA ALA A 64 -15.25 -7.10 -14.93
C ALA A 64 -15.47 -5.62 -14.66
N SER A 65 -14.55 -4.96 -13.95
CA SER A 65 -14.70 -3.53 -13.71
C SER A 65 -14.13 -2.67 -14.85
N MET A 66 -13.31 -3.24 -15.73
CA MET A 66 -12.84 -2.49 -16.89
C MET A 66 -14.01 -2.13 -17.81
N GLY A 67 -14.02 -0.89 -18.27
CA GLY A 67 -15.12 -0.41 -19.09
C GLY A 67 -16.38 -0.08 -18.34
N ARG A 68 -16.39 -0.22 -17.01
CA ARG A 68 -17.52 0.20 -16.19
C ARG A 68 -17.25 1.57 -15.59
N ASP A 69 -18.32 2.21 -15.12
CA ASP A 69 -18.25 3.54 -14.48
C ASP A 69 -17.93 3.32 -12.99
N GLN A 70 -16.67 2.97 -12.73
CA GLN A 70 -16.29 2.39 -11.44
C GLN A 70 -16.49 3.39 -10.30
N PRO A 71 -17.02 2.96 -9.16
CA PRO A 71 -16.95 3.80 -7.95
C PRO A 71 -15.50 4.13 -7.68
N ARG A 72 -15.19 5.42 -7.57
CA ARG A 72 -13.79 5.80 -7.53
C ARG A 72 -13.66 7.20 -6.95
N MET A 73 -12.41 7.58 -6.66
CA MET A 73 -12.08 8.91 -6.15
C MET A 73 -11.85 9.96 -7.24
N ARG A 74 -11.41 9.56 -8.43
CA ARG A 74 -10.98 10.52 -9.45
C ARG A 74 -11.98 10.58 -10.60
N PRO A 75 -11.99 11.69 -11.35
CA PRO A 75 -13.05 11.85 -12.36
C PRO A 75 -13.02 10.85 -13.51
N VAL A 76 -11.88 10.32 -13.90
CA VAL A 76 -11.78 9.47 -15.08
C VAL A 76 -11.65 8.01 -14.63
N ALA A 77 -12.54 7.16 -15.13
CA ALA A 77 -12.49 5.74 -14.83
C ALA A 77 -11.15 5.17 -15.26
N ARG A 78 -10.69 4.18 -14.52
CA ARG A 78 -9.37 3.63 -14.74
C ARG A 78 -9.39 2.66 -15.91
N THR A 79 -8.27 2.62 -16.65
CA THR A 79 -8.04 1.64 -17.71
C THR A 79 -6.72 0.92 -17.47
N GLY A 80 -6.43 -0.09 -18.28
CA GLY A 80 -5.18 -0.82 -18.14
C GLY A 80 -5.36 -2.31 -18.33
N ALA A 81 -4.25 -3.06 -18.47
CA ALA A 81 -4.40 -4.49 -18.74
C ALA A 81 -3.52 -5.35 -17.85
N GLY A 82 -3.09 -4.82 -16.71
CA GLY A 82 -2.16 -5.49 -15.85
C GLY A 82 -2.79 -6.10 -14.61
N LEU A 83 -2.01 -6.15 -13.53
CA LEU A 83 -2.37 -6.92 -12.34
C LEU A 83 -3.69 -6.47 -11.74
N PHE A 84 -3.93 -5.16 -11.71
CA PHE A 84 -5.18 -4.64 -11.13
C PHE A 84 -6.35 -4.70 -12.10
N SER A 85 -6.16 -5.26 -13.28
CA SER A 85 -7.20 -5.29 -14.29
C SER A 85 -7.56 -6.69 -14.75
N THR A 86 -6.98 -7.72 -14.15
CA THR A 86 -7.09 -9.08 -14.68
C THR A 86 -7.39 -10.05 -13.56
N GLU A 87 -7.89 -11.21 -13.96
CA GLU A 87 -8.14 -12.35 -13.08
C GLU A 87 -7.56 -13.57 -13.77
N PRO A 88 -7.52 -14.71 -13.10
CA PRO A 88 -6.95 -15.89 -13.74
C PRO A 88 -7.79 -16.29 -14.93
N PRO A 89 -7.17 -16.76 -16.02
CA PRO A 89 -5.77 -17.16 -16.09
C PRO A 89 -4.82 -16.05 -16.50
N GLU A 90 -5.36 -14.97 -17.06
CA GLU A 90 -4.47 -13.93 -17.56
C GLU A 90 -3.66 -13.30 -16.42
N HIS A 91 -4.31 -13.03 -15.28
CA HIS A 91 -3.60 -12.46 -14.14
C HIS A 91 -2.44 -13.36 -13.73
N THR A 92 -2.67 -14.67 -13.70
CA THR A 92 -1.65 -15.63 -13.30
C THR A 92 -0.42 -15.55 -14.18
N ARG A 93 -0.63 -15.39 -15.49
CA ARG A 93 0.49 -15.27 -16.42
C ARG A 93 1.37 -14.06 -16.09
N LEU A 94 0.76 -12.92 -15.75
CA LEU A 94 1.56 -11.75 -15.39
C LEU A 94 2.22 -11.93 -14.03
N ARG A 95 1.44 -12.34 -13.04
CA ARG A 95 1.95 -12.41 -11.67
C ARG A 95 3.07 -13.45 -11.54
N SER A 96 3.01 -14.53 -12.31
CA SER A 96 4.07 -15.54 -12.30
C SER A 96 5.41 -14.94 -12.64
N LEU A 97 5.44 -14.00 -13.59
CA LEU A 97 6.69 -13.36 -14.01
C LEU A 97 7.30 -12.45 -12.95
N VAL A 98 6.52 -11.95 -12.00
CA VAL A 98 7.09 -11.11 -10.94
C VAL A 98 7.29 -11.86 -9.64
N ALA A 99 6.78 -13.10 -9.52
CA ALA A 99 6.71 -13.80 -8.24
C ALA A 99 8.08 -14.23 -7.74
N ARG A 100 9.03 -14.51 -8.64
CA ARG A 100 10.36 -14.92 -8.20
C ARG A 100 11.04 -13.80 -7.40
N GLN A 101 11.13 -12.61 -8.00
CA GLN A 101 11.90 -11.54 -7.37
C GLN A 101 11.25 -11.03 -6.10
N PHE A 102 9.93 -11.10 -5.98
CA PHE A 102 9.31 -10.58 -4.77
C PHE A 102 9.07 -11.65 -3.71
N SER A 103 9.48 -12.89 -3.96
CA SER A 103 9.31 -13.97 -2.98
C SER A 103 10.17 -13.69 -1.74
N ALA A 104 9.71 -14.20 -0.59
CA ALA A 104 10.49 -14.01 0.63
C ALA A 104 11.94 -14.43 0.42
N ARG A 105 12.15 -15.52 -0.33
CA ARG A 105 13.50 -16.06 -0.49
C ARG A 105 14.42 -15.08 -1.22
N ARG A 106 13.88 -14.31 -2.16
CA ARG A 106 14.70 -13.40 -2.94
C ARG A 106 14.72 -11.98 -2.40
N VAL A 107 13.77 -11.58 -1.55
CA VAL A 107 13.90 -10.27 -0.92
C VAL A 107 14.76 -10.32 0.35
N GLU A 108 14.86 -11.48 1.00
CA GLU A 108 15.62 -11.55 2.25
C GLU A 108 17.07 -11.09 2.10
N PRO A 109 17.77 -11.39 0.99
CA PRO A 109 19.14 -10.88 0.85
C PRO A 109 19.23 -9.37 0.85
N LEU A 110 18.12 -8.66 0.71
CA LEU A 110 18.13 -7.21 0.74
C LEU A 110 18.17 -6.63 2.15
N ARG A 111 18.03 -7.47 3.18
CA ARG A 111 17.93 -6.94 4.54
C ARG A 111 19.18 -6.14 4.91
N ALA A 112 20.37 -6.65 4.59
CA ALA A 112 21.59 -5.92 4.95
C ALA A 112 21.66 -4.58 4.24
N ARG A 113 21.33 -4.55 2.95
CA ARG A 113 21.31 -3.29 2.21
C ARG A 113 20.29 -2.33 2.80
N ALA A 114 19.09 -2.83 3.13
CA ALA A 114 18.08 -1.94 3.68
C ALA A 114 18.57 -1.34 4.99
N GLY A 115 19.24 -2.13 5.83
CA GLY A 115 19.77 -1.60 7.08
C GLY A 115 20.88 -0.58 6.87
N GLN A 116 21.76 -0.84 5.90
CA GLN A 116 22.79 0.12 5.57
C GLN A 116 22.19 1.44 5.07
N LEU A 117 21.15 1.36 4.25
CA LEU A 117 20.49 2.57 3.78
C LEU A 117 19.84 3.32 4.93
N ALA A 118 19.09 2.60 5.77
CA ALA A 118 18.52 3.21 6.98
C ALA A 118 19.58 3.91 7.81
N ASP A 119 20.77 3.30 7.97
CA ASP A 119 21.84 3.96 8.74
C ASP A 119 22.32 5.24 8.05
N GLU A 120 22.37 5.25 6.72
CA GLU A 120 22.75 6.45 5.97
C GLU A 120 21.72 7.57 6.16
N LEU A 121 20.44 7.22 6.11
CA LEU A 121 19.41 8.22 6.32
C LEU A 121 19.47 8.77 7.74
N ILE A 122 19.62 7.89 8.72
CA ILE A 122 19.74 8.36 10.10
C ILE A 122 20.97 9.25 10.26
N ASP A 123 22.10 8.87 9.63
CA ASP A 123 23.27 9.73 9.62
C ASP A 123 22.92 11.13 9.13
N GLY A 124 22.26 11.21 7.98
CA GLY A 124 21.80 12.50 7.47
C GLY A 124 20.97 13.26 8.48
N MET A 125 20.07 12.57 9.19
CA MET A 125 19.27 13.26 10.20
C MET A 125 20.15 13.82 11.31
N VAL A 126 21.11 13.01 11.75
CA VAL A 126 22.02 13.41 12.83
C VAL A 126 22.80 14.65 12.44
N VAL A 127 23.40 14.64 11.24
CA VAL A 127 24.21 15.77 10.81
C VAL A 127 23.36 17.02 10.66
N ALA A 128 22.13 16.87 10.16
CA ALA A 128 21.26 18.02 10.00
C ALA A 128 20.88 18.64 11.34
N GLY A 129 20.89 17.85 12.42
CA GLY A 129 20.54 18.33 13.74
C GLY A 129 19.05 18.31 13.99
N GLN A 130 18.67 18.29 15.28
CA GLN A 130 17.28 18.19 15.72
C GLN A 130 16.57 19.53 15.63
N PRO A 131 15.25 19.51 15.37
CA PRO A 131 14.50 18.28 15.15
C PRO A 131 14.56 17.81 13.70
N ALA A 132 14.39 16.52 13.48
CA ALA A 132 14.30 15.95 12.14
C ALA A 132 12.83 15.64 11.83
N ASP A 133 12.56 15.35 10.57
CA ASP A 133 11.23 14.94 10.13
C ASP A 133 11.34 13.51 9.64
N LEU A 134 10.78 12.56 10.38
CA LEU A 134 10.88 11.16 9.98
C LEU A 134 10.24 10.90 8.64
N VAL A 135 9.30 11.74 8.21
CA VAL A 135 8.68 11.54 6.90
C VAL A 135 9.66 11.88 5.79
N GLU A 136 10.06 13.15 5.71
CA GLU A 136 10.90 13.56 4.58
C GLU A 136 12.31 12.98 4.66
N ASP A 137 12.81 12.75 5.86
CA ASP A 137 14.20 12.34 6.01
C ASP A 137 14.40 10.83 6.02
N PHE A 138 13.33 10.05 6.10
CA PHE A 138 13.52 8.62 6.31
C PHE A 138 12.42 7.80 5.67
N ALA A 139 11.17 8.05 6.06
CA ALA A 139 10.08 7.23 5.58
C ALA A 139 9.94 7.31 4.04
N ILE A 140 10.16 8.48 3.46
CA ILE A 140 10.07 8.63 2.01
C ILE A 140 11.31 8.05 1.34
N PRO A 141 12.52 8.48 1.68
CA PRO A 141 13.70 8.00 0.93
C PRO A 141 13.96 6.51 1.03
N MET A 142 13.74 5.87 2.17
CA MET A 142 14.15 4.48 2.33
C MET A 142 13.46 3.55 1.34
N PRO A 143 12.13 3.45 1.31
CA PRO A 143 11.51 2.48 0.41
C PRO A 143 11.53 2.93 -1.03
N THR A 144 11.54 4.25 -1.30
CA THR A 144 11.66 4.69 -2.70
C THR A 144 13.02 4.29 -3.28
N THR A 145 14.10 4.48 -2.52
CA THR A 145 15.40 4.02 -2.97
C THR A 145 15.40 2.52 -3.23
N ILE A 146 14.88 1.74 -2.28
CA ILE A 146 14.95 0.29 -2.40
C ILE A 146 14.19 -0.19 -3.63
N ILE A 147 12.94 0.26 -3.82
CA ILE A 147 12.21 -0.21 -4.99
C ILE A 147 12.95 0.19 -6.28
N CYS A 148 13.51 1.39 -6.31
CA CYS A 148 14.25 1.79 -7.51
C CYS A 148 15.42 0.85 -7.78
N GLU A 149 16.13 0.44 -6.74
CA GLU A 149 17.23 -0.50 -6.92
C GLU A 149 16.71 -1.85 -7.43
N VAL A 150 15.58 -2.31 -6.89
CA VAL A 150 15.00 -3.58 -7.32
C VAL A 150 14.63 -3.52 -8.79
N LEU A 151 14.07 -2.40 -9.23
CA LEU A 151 13.59 -2.24 -10.60
C LEU A 151 14.67 -1.76 -11.57
N GLY A 152 15.82 -1.31 -11.07
CA GLY A 152 16.86 -0.79 -11.94
C GLY A 152 16.61 0.64 -12.36
N ILE A 153 16.00 1.44 -11.50
CA ILE A 153 15.69 2.83 -11.81
C ILE A 153 16.86 3.68 -11.30
N PRO A 154 17.40 4.58 -12.12
CA PRO A 154 18.55 5.37 -11.67
C PRO A 154 18.20 6.22 -10.45
N ALA A 155 19.20 6.40 -9.58
CA ALA A 155 19.03 7.24 -8.41
C ALA A 155 18.66 8.67 -8.77
N LYS A 156 19.14 9.19 -9.90
CA LYS A 156 18.88 10.59 -10.23
C LYS A 156 17.39 10.89 -10.39
N ASP A 157 16.57 9.90 -10.73
CA ASP A 157 15.15 10.15 -10.96
C ASP A 157 14.32 10.15 -9.68
N HIS A 158 14.93 10.03 -8.48
CA HIS A 158 14.14 9.93 -7.25
C HIS A 158 13.18 11.10 -7.08
N ARG A 159 13.69 12.33 -7.13
CA ARG A 159 12.82 13.48 -6.87
C ARG A 159 11.71 13.61 -7.90
N MET A 160 12.04 13.42 -9.18
CA MET A 160 10.98 13.45 -10.18
C MET A 160 9.90 12.42 -9.88
N LEU A 161 10.32 11.22 -9.50
CA LEU A 161 9.33 10.15 -9.26
C LEU A 161 8.53 10.41 -7.99
N TRP A 162 9.16 10.98 -6.95
CA TRP A 162 8.39 11.33 -5.77
C TRP A 162 7.35 12.39 -6.10
N HIS A 163 7.69 13.34 -6.96
CA HIS A 163 6.70 14.32 -7.38
C HIS A 163 5.50 13.65 -8.02
N TRP A 164 5.75 12.70 -8.93
CA TRP A 164 4.67 11.94 -9.53
C TRP A 164 3.89 11.17 -8.48
N ALA A 165 4.57 10.58 -7.50
CA ALA A 165 3.87 9.85 -6.45
C ALA A 165 2.93 10.76 -5.68
N GLU A 166 3.37 11.97 -5.36
CA GLU A 166 2.50 12.93 -4.68
C GLU A 166 1.31 13.29 -5.52
N THR A 167 1.53 13.50 -6.83
CA THR A 167 0.42 13.73 -7.73
C THR A 167 -0.56 12.56 -7.68
N VAL A 168 -0.04 11.33 -7.72
CA VAL A 168 -0.88 10.14 -7.68
C VAL A 168 -1.62 10.03 -6.35
N LEU A 169 -0.95 10.40 -5.25
CA LEU A 169 -1.46 10.23 -3.90
C LEU A 169 -2.55 11.21 -3.53
N SER A 170 -2.61 12.38 -4.18
CA SER A 170 -3.59 13.40 -3.81
C SER A 170 -4.92 13.11 -4.50
N ALA A 171 -5.97 13.00 -3.71
CA ALA A 171 -7.31 12.79 -4.25
C ALA A 171 -7.89 14.05 -4.91
N ILE A 172 -7.22 15.19 -4.81
CA ILE A 172 -7.69 16.42 -5.43
C ILE A 172 -6.72 16.93 -6.48
N THR A 173 -5.86 16.05 -7.00
CA THR A 173 -5.08 16.38 -8.18
C THR A 173 -6.03 16.70 -9.34
N PRO A 174 -5.91 17.87 -9.98
CA PRO A 174 -6.77 18.18 -11.11
C PRO A 174 -6.72 17.11 -12.19
N GLN A 175 -7.88 16.84 -12.80
CA GLN A 175 -7.98 15.82 -13.83
C GLN A 175 -6.92 16.00 -14.93
N GLU A 176 -6.68 17.23 -15.37
CA GLU A 176 -5.76 17.42 -16.49
C GLU A 176 -4.31 17.34 -16.05
N VAL A 177 -4.00 17.69 -14.80
CA VAL A 177 -2.65 17.53 -14.27
C VAL A 177 -2.30 16.05 -14.20
N LEU A 178 -3.23 15.24 -13.70
CA LEU A 178 -2.99 13.80 -13.66
C LEU A 178 -2.70 13.25 -15.05
N ALA A 179 -3.44 13.73 -16.06
CA ALA A 179 -3.23 13.24 -17.42
C ALA A 179 -1.87 13.65 -17.96
N THR A 180 -1.52 14.94 -17.84
CA THR A 180 -0.26 15.38 -18.44
C THR A 180 0.93 14.79 -17.70
N GLU A 181 0.92 14.84 -16.37
CA GLU A 181 1.97 14.16 -15.63
C GLU A 181 1.95 12.66 -15.88
N GLY A 182 0.76 12.07 -15.99
CA GLY A 182 0.68 10.64 -16.29
C GLY A 182 1.34 10.29 -17.63
N ARG A 183 1.02 11.06 -18.67
CA ARG A 183 1.65 10.85 -19.97
C ARG A 183 3.16 10.93 -19.87
N ALA A 184 3.66 11.95 -19.17
CA ALA A 184 5.10 12.11 -19.00
C ALA A 184 5.69 10.92 -18.25
N PHE A 185 5.00 10.43 -17.22
CA PHE A 185 5.50 9.27 -16.48
C PHE A 185 5.56 8.04 -17.38
N VAL A 186 4.49 7.78 -18.13
CA VAL A 186 4.45 6.61 -19.01
C VAL A 186 5.57 6.68 -20.04
N GLU A 187 5.80 7.86 -20.63
CA GLU A 187 6.89 8.01 -21.58
C GLU A 187 8.24 7.78 -20.90
N TYR A 188 8.40 8.27 -19.67
CA TYR A 188 9.61 7.96 -18.92
C TYR A 188 9.80 6.45 -18.79
N MET A 189 8.74 5.71 -18.48
CA MET A 189 8.90 4.27 -18.27
C MET A 189 9.14 3.53 -19.58
N VAL A 190 8.48 3.96 -20.67
CA VAL A 190 8.84 3.42 -21.99
C VAL A 190 10.35 3.54 -22.21
N GLY A 191 10.90 4.72 -21.90
CA GLY A 191 12.33 4.92 -22.04
C GLY A 191 13.16 3.98 -21.19
N VAL A 192 12.80 3.84 -19.91
CA VAL A 192 13.56 2.92 -19.05
C VAL A 192 13.52 1.51 -19.61
N LEU A 193 12.36 1.09 -20.13
CA LEU A 193 12.25 -0.27 -20.64
C LEU A 193 13.10 -0.47 -21.89
N GLU A 194 13.31 0.58 -22.69
CA GLU A 194 14.25 0.47 -23.80
C GLU A 194 15.69 0.43 -23.33
N LEU A 195 16.03 1.27 -22.33
CA LEU A 195 17.35 1.20 -21.73
C LEU A 195 17.70 -0.21 -21.27
N ARG A 196 16.81 -0.81 -20.47
CA ARG A 196 17.04 -2.17 -19.98
C ARG A 196 17.18 -3.16 -21.13
N GLY A 197 16.53 -2.89 -22.26
CA GLY A 197 16.69 -3.74 -23.42
C GLY A 197 18.10 -3.68 -23.99
N ARG A 198 18.61 -2.47 -24.21
CA ARG A 198 19.99 -2.33 -24.68
C ARG A 198 20.99 -2.65 -23.58
N GLU A 199 20.74 -2.16 -22.36
CA GLU A 199 21.68 -2.28 -21.24
C GLU A 199 21.17 -3.22 -20.16
N PRO A 200 21.18 -4.53 -20.38
CA PRO A 200 20.63 -5.46 -19.38
C PRO A 200 21.40 -5.39 -18.07
N GLY A 201 20.66 -5.57 -16.96
CA GLY A 201 21.24 -5.62 -15.64
C GLY A 201 20.62 -6.74 -14.83
N ASP A 202 21.02 -6.80 -13.56
CA ASP A 202 20.45 -7.77 -12.62
C ASP A 202 19.25 -7.22 -11.89
N ASP A 203 18.42 -6.47 -12.60
CA ASP A 203 17.24 -5.82 -12.04
C ASP A 203 15.99 -6.50 -12.56
N LEU A 204 14.87 -6.19 -11.93
CA LEU A 204 13.62 -6.85 -12.29
C LEU A 204 13.14 -6.44 -13.68
N LEU A 205 13.28 -5.16 -14.03
CA LEU A 205 12.78 -4.69 -15.33
C LEU A 205 13.54 -5.37 -16.48
N THR A 206 14.84 -5.59 -16.31
CA THR A 206 15.57 -6.35 -17.33
C THR A 206 14.94 -7.73 -17.52
N ALA A 207 14.62 -8.42 -16.41
CA ALA A 207 13.97 -9.73 -16.50
C ALA A 207 12.62 -9.62 -17.19
N LEU A 208 11.87 -8.55 -16.92
CA LEU A 208 10.56 -8.40 -17.53
C LEU A 208 10.65 -8.02 -18.99
N VAL A 209 11.70 -7.28 -19.39
CA VAL A 209 11.89 -6.96 -20.80
C VAL A 209 12.23 -8.23 -21.58
N ARG A 210 13.18 -9.02 -21.08
CA ARG A 210 13.46 -10.31 -21.70
C ARG A 210 12.21 -11.17 -21.81
N ALA A 211 11.43 -11.26 -20.72
CA ALA A 211 10.23 -12.07 -20.74
C ALA A 211 9.28 -11.61 -21.85
N CYS A 212 9.28 -10.33 -22.17
CA CYS A 212 8.36 -9.83 -23.16
C CYS A 212 8.93 -9.95 -24.58
N ARG A 213 10.18 -9.52 -24.76
CA ARG A 213 10.74 -9.26 -26.08
C ARG A 213 11.62 -10.41 -26.59
N GLU A 214 11.89 -11.41 -25.76
CA GLU A 214 12.61 -12.60 -26.20
C GLU A 214 11.80 -13.87 -26.07
N GLU A 215 10.95 -13.99 -25.06
CA GLU A 215 10.12 -15.18 -24.89
C GLU A 215 8.68 -14.95 -25.28
N GLY A 216 8.27 -13.72 -25.57
CA GLY A 216 6.89 -13.46 -25.95
C GLY A 216 5.88 -13.90 -24.91
N LEU A 217 6.23 -13.87 -23.62
CA LEU A 217 5.33 -14.34 -22.58
C LEU A 217 4.31 -13.28 -22.17
N ILE A 218 4.62 -12.00 -22.40
CA ILE A 218 3.69 -10.91 -22.15
C ILE A 218 3.77 -9.94 -23.31
N SER A 219 2.71 -9.18 -23.50
CA SER A 219 2.69 -8.11 -24.48
C SER A 219 3.48 -6.90 -23.98
N GLU A 220 3.69 -5.93 -24.89
CA GLU A 220 4.31 -4.67 -24.49
C GLU A 220 3.40 -3.89 -23.54
N GLU A 221 2.10 -3.88 -23.84
CA GLU A 221 1.14 -3.20 -22.97
C GLU A 221 1.16 -3.78 -21.57
N GLU A 222 1.37 -5.10 -21.45
CA GLU A 222 1.42 -5.75 -20.14
C GLU A 222 2.74 -5.47 -19.45
N LEU A 223 3.85 -5.58 -20.18
CA LEU A 223 5.14 -5.20 -19.63
C LEU A 223 5.10 -3.80 -19.05
N LEU A 224 4.52 -2.85 -19.79
CA LEU A 224 4.48 -1.46 -19.33
C LEU A 224 3.60 -1.31 -18.10
N SER A 225 2.42 -1.94 -18.09
CA SER A 225 1.53 -1.82 -16.94
C SER A 225 2.17 -2.41 -15.68
N ILE A 226 2.89 -3.52 -15.81
CA ILE A 226 3.53 -4.12 -14.64
C ILE A 226 4.64 -3.22 -14.11
N ALA A 227 5.46 -2.68 -15.02
CA ALA A 227 6.51 -1.76 -14.59
C ALA A 227 5.92 -0.55 -13.87
N CYS A 228 4.89 0.06 -14.44
CA CYS A 228 4.25 1.23 -13.83
C CYS A 228 3.66 0.87 -12.47
N ASP A 229 2.95 -0.26 -12.39
CA ASP A 229 2.29 -0.69 -11.16
C ASP A 229 3.29 -0.92 -10.04
N LEU A 230 4.38 -1.66 -10.32
CA LEU A 230 5.34 -1.93 -9.26
C LEU A 230 5.98 -0.63 -8.78
N LEU A 231 6.35 0.24 -9.71
CA LEU A 231 6.95 1.52 -9.31
C LEU A 231 6.00 2.33 -8.44
N ILE A 232 4.78 2.54 -8.90
CA ILE A 232 3.85 3.37 -8.16
C ILE A 232 3.55 2.73 -6.80
N ALA A 233 3.21 1.43 -6.80
CA ALA A 233 2.98 0.74 -5.53
C ALA A 233 4.16 0.92 -4.59
N GLY A 234 5.38 0.68 -5.09
CA GLY A 234 6.54 0.84 -4.23
C GLY A 234 6.70 2.25 -3.71
N PHE A 235 6.16 3.24 -4.41
CA PHE A 235 6.34 4.63 -4.00
C PHE A 235 5.26 5.13 -3.04
N VAL A 236 4.01 4.66 -3.15
CA VAL A 236 2.94 5.26 -2.36
C VAL A 236 2.62 4.50 -1.07
N SER A 237 3.17 3.30 -0.89
CA SER A 237 2.67 2.45 0.18
C SER A 237 3.53 2.57 1.43
N THR A 238 4.71 1.95 1.41
CA THR A 238 5.56 1.88 2.60
C THR A 238 6.00 3.27 3.07
N THR A 239 6.15 4.22 2.15
CA THR A 239 6.52 5.59 2.53
C THR A 239 5.57 6.12 3.60
N ASN A 240 4.28 5.95 3.40
CA ASN A 240 3.31 6.38 4.39
C ASN A 240 3.29 5.44 5.60
N GLN A 241 3.34 4.13 5.37
CA GLN A 241 3.19 3.16 6.47
C GLN A 241 4.34 3.25 7.47
N ILE A 242 5.56 3.48 6.99
CA ILE A 242 6.69 3.65 7.92
C ILE A 242 6.39 4.79 8.89
N GLY A 243 5.98 5.94 8.36
CA GLY A 243 5.63 7.06 9.23
C GLY A 243 4.50 6.71 10.17
N ASN A 244 3.49 6.00 9.66
CA ASN A 244 2.36 5.61 10.51
C ASN A 244 2.84 4.73 11.67
N PHE A 245 3.76 3.82 11.38
CA PHE A 245 4.19 2.88 12.41
C PHE A 245 5.04 3.58 13.47
N PHE A 246 5.91 4.49 13.03
CA PHE A 246 6.66 5.26 14.02
C PHE A 246 5.74 6.18 14.82
N HIS A 247 4.70 6.72 14.19
CA HIS A 247 3.74 7.51 14.95
C HIS A 247 3.11 6.65 16.05
N GLN A 248 2.70 5.43 15.70
CA GLN A 248 2.03 4.59 16.68
C GLN A 248 2.99 4.15 17.77
N LEU A 249 4.23 3.87 17.41
CA LEU A 249 5.20 3.54 18.45
C LEU A 249 5.48 4.75 19.34
N LEU A 250 5.53 5.94 18.77
CA LEU A 250 5.85 7.11 19.57
C LEU A 250 4.73 7.44 20.56
N VAL A 251 3.47 7.14 20.23
CA VAL A 251 2.38 7.41 21.17
C VAL A 251 2.03 6.18 21.99
N HIS A 252 2.84 5.13 21.92
CA HIS A 252 2.77 3.99 22.84
C HIS A 252 4.17 3.70 23.34
N PRO A 253 4.79 4.67 24.01
CA PRO A 253 6.20 4.53 24.38
C PRO A 253 6.47 3.28 25.17
N GLU A 254 5.47 2.74 25.86
CA GLU A 254 5.65 1.49 26.58
C GLU A 254 6.10 0.35 25.67
N GLU A 255 5.69 0.37 24.40
CA GLU A 255 6.07 -0.67 23.47
C GLU A 255 7.47 -0.47 22.90
N LEU A 256 7.96 0.77 22.95
CA LEU A 256 9.24 1.11 22.33
C LEU A 256 10.39 0.29 22.90
N THR A 257 10.49 0.19 24.24
CA THR A 257 11.71 -0.38 24.79
C THR A 257 11.77 -1.88 24.57
N ARG A 258 10.63 -2.57 24.58
CA ARG A 258 10.66 -3.98 24.25
C ARG A 258 11.24 -4.22 22.86
N LEU A 259 10.75 -3.46 21.86
CA LEU A 259 11.21 -3.62 20.49
C LEU A 259 12.67 -3.18 20.34
N ARG A 260 13.06 -2.13 21.06
CA ARG A 260 14.45 -1.68 21.01
C ARG A 260 15.39 -2.74 21.56
N GLU A 261 15.04 -3.33 22.71
CA GLU A 261 15.95 -4.26 23.38
C GLU A 261 15.88 -5.68 22.85
N ARG A 262 14.72 -6.09 22.32
CA ARG A 262 14.50 -7.46 21.87
C ARG A 262 13.93 -7.43 20.45
N PRO A 263 14.78 -7.12 19.46
CA PRO A 263 14.28 -6.92 18.10
C PRO A 263 13.64 -8.16 17.51
N GLU A 264 13.84 -9.33 18.11
CA GLU A 264 13.12 -10.51 17.65
C GLU A 264 11.63 -10.37 17.84
N LEU A 265 11.19 -9.38 18.63
CA LEU A 265 9.77 -9.10 18.79
C LEU A 265 9.20 -8.22 17.69
N ILE A 266 10.04 -7.69 16.81
CA ILE A 266 9.57 -6.71 15.84
C ILE A 266 8.65 -7.37 14.82
N PRO A 267 8.93 -8.59 14.33
CA PRO A 267 8.02 -9.17 13.32
C PRO A 267 6.57 -9.22 13.74
N LYS A 268 6.27 -9.69 14.95
CA LYS A 268 4.87 -9.78 15.37
C LYS A 268 4.26 -8.39 15.53
N ALA A 269 5.07 -7.42 15.97
CA ALA A 269 4.59 -6.05 16.13
C ALA A 269 4.25 -5.44 14.77
N VAL A 270 5.09 -5.67 13.76
CA VAL A 270 4.78 -5.17 12.42
C VAL A 270 3.45 -5.75 11.93
N GLU A 271 3.20 -7.02 12.22
CA GLU A 271 1.92 -7.62 11.81
C GLU A 271 0.75 -7.00 12.57
N GLU A 272 0.92 -6.74 13.87
CA GLU A 272 -0.16 -6.09 14.60
C GLU A 272 -0.42 -4.69 14.06
N LEU A 273 0.66 -3.95 13.77
CA LEU A 273 0.50 -2.60 13.24
C LEU A 273 -0.11 -2.63 11.85
N MET A 274 0.20 -3.67 11.06
CA MET A 274 -0.48 -3.88 9.79
C MET A 274 -1.99 -4.04 9.99
N ARG A 275 -2.38 -4.82 11.00
CA ARG A 275 -3.79 -5.02 11.29
C ARG A 275 -4.44 -3.72 11.75
N TYR A 276 -3.78 -3.00 12.65
CA TYR A 276 -4.38 -1.90 13.40
C TYR A 276 -4.50 -0.61 12.59
N VAL A 277 -3.51 -0.31 11.76
CA VAL A 277 -3.44 1.00 11.13
C VAL A 277 -4.42 1.11 9.96
N PRO A 278 -5.39 2.02 10.00
CA PRO A 278 -6.25 2.26 8.81
C PRO A 278 -5.47 3.08 7.79
N LEU A 279 -5.23 2.48 6.63
CA LEU A 279 -4.30 3.03 5.65
C LEU A 279 -4.98 3.52 4.38
N LEU A 280 -5.90 2.74 3.84
CA LEU A 280 -6.37 2.91 2.45
C LEU A 280 -7.65 3.72 2.47
N THR A 281 -7.50 5.04 2.40
CA THR A 281 -8.66 5.91 2.24
C THR A 281 -9.25 5.80 0.83
N GLY A 282 -8.40 5.93 -0.18
CA GLY A 282 -8.90 6.07 -1.54
C GLY A 282 -8.62 4.89 -2.46
N PHE A 283 -7.53 4.18 -2.24
CA PHE A 283 -7.07 3.22 -3.25
C PHE A 283 -7.79 1.86 -3.19
N ASN A 284 -9.09 1.82 -2.92
CA ASN A 284 -9.82 0.55 -2.77
C ASN A 284 -10.52 0.22 -4.07
N LEU A 285 -9.99 -0.73 -4.82
CA LEU A 285 -10.57 -1.07 -6.12
C LEU A 285 -11.87 -1.84 -5.95
N ALA A 286 -12.94 -1.33 -6.57
CA ALA A 286 -14.20 -2.06 -6.54
C ALA A 286 -14.14 -3.26 -7.47
N ARG A 287 -14.70 -4.37 -7.00
CA ARG A 287 -14.94 -5.50 -7.87
C ARG A 287 -16.35 -5.43 -8.42
N TYR A 288 -16.55 -5.96 -9.62
CA TYR A 288 -17.89 -6.15 -10.16
C TYR A 288 -18.26 -7.62 -10.09
N ALA A 289 -19.49 -7.89 -9.65
CA ALA A 289 -19.97 -9.27 -9.66
C ALA A 289 -20.24 -9.72 -11.09
N THR A 290 -19.86 -10.97 -11.40
CA THR A 290 -20.12 -11.56 -12.70
C THR A 290 -21.36 -12.44 -12.71
N ALA A 291 -21.94 -12.68 -11.55
CA ALA A 291 -23.17 -13.42 -11.37
C ALA A 291 -23.73 -13.02 -10.02
N ASP A 292 -25.03 -13.27 -9.82
CA ASP A 292 -25.63 -13.00 -8.52
C ASP A 292 -24.88 -13.75 -7.43
N VAL A 293 -24.68 -13.09 -6.29
CA VAL A 293 -24.00 -13.67 -5.13
C VAL A 293 -24.77 -13.29 -3.88
N GLU A 294 -25.13 -14.29 -3.07
CA GLU A 294 -25.71 -14.04 -1.76
C GLU A 294 -24.59 -13.73 -0.78
N LEU A 295 -24.71 -12.63 -0.04
CA LEU A 295 -23.64 -12.25 0.87
C LEU A 295 -24.20 -11.33 1.95
N GLY A 296 -23.97 -11.70 3.21
CA GLY A 296 -24.45 -10.87 4.32
C GLY A 296 -25.94 -10.70 4.34
N GLY A 297 -26.69 -11.67 3.79
CA GLY A 297 -28.13 -11.61 3.81
C GLY A 297 -28.76 -10.75 2.73
N ILE A 298 -27.97 -10.16 1.84
CA ILE A 298 -28.49 -9.51 0.65
C ILE A 298 -27.97 -10.26 -0.57
N THR A 299 -28.51 -9.92 -1.72
CA THR A 299 -28.06 -10.52 -2.96
C THR A 299 -27.39 -9.44 -3.80
N ILE A 300 -26.12 -9.67 -4.15
CA ILE A 300 -25.37 -8.79 -5.02
C ILE A 300 -25.61 -9.26 -6.45
N ARG A 301 -26.37 -8.48 -7.22
CA ARG A 301 -26.70 -8.90 -8.56
C ARG A 301 -25.47 -8.83 -9.48
N ALA A 302 -25.51 -9.64 -10.54
CA ALA A 302 -24.51 -9.52 -11.59
C ALA A 302 -24.42 -8.06 -12.05
N GLY A 303 -23.21 -7.62 -12.38
CA GLY A 303 -23.00 -6.27 -12.84
C GLY A 303 -23.00 -5.20 -11.76
N GLU A 304 -23.23 -5.55 -10.51
CA GLU A 304 -23.12 -4.55 -9.45
C GLU A 304 -21.69 -4.51 -8.91
N ALA A 305 -21.34 -3.37 -8.31
CA ALA A 305 -20.02 -3.08 -7.79
C ALA A 305 -19.94 -3.37 -6.29
N VAL A 306 -18.77 -3.85 -5.85
CA VAL A 306 -18.56 -4.16 -4.44
C VAL A 306 -17.18 -3.65 -4.03
N MET A 307 -17.12 -2.96 -2.89
CA MET A 307 -15.87 -2.53 -2.27
C MET A 307 -15.75 -3.07 -0.85
N ILE A 308 -14.51 -3.14 -0.37
CA ILE A 308 -14.21 -3.69 0.93
C ILE A 308 -13.54 -2.64 1.79
N ALA A 309 -13.62 -2.85 3.10
CA ALA A 309 -12.97 -2.01 4.09
C ALA A 309 -12.08 -2.92 4.94
N THR A 310 -10.82 -3.08 4.52
CA THR A 310 -9.93 -4.02 5.24
C THR A 310 -9.66 -3.56 6.68
N ALA A 311 -9.54 -2.25 6.90
CA ALA A 311 -9.26 -1.78 8.26
C ALA A 311 -10.40 -2.14 9.20
N ALA A 312 -11.63 -2.12 8.69
CA ALA A 312 -12.78 -2.49 9.52
C ALA A 312 -12.81 -3.99 9.77
N ALA A 313 -12.61 -4.78 8.72
CA ALA A 313 -12.50 -6.22 8.89
C ALA A 313 -11.41 -6.56 9.90
N ASN A 314 -10.30 -5.81 9.87
CA ASN A 314 -9.19 -6.10 10.76
C ASN A 314 -9.51 -5.84 12.23
N ARG A 315 -10.69 -5.32 12.59
CA ARG A 315 -11.10 -5.18 13.98
C ARG A 315 -12.44 -5.86 14.23
N ASP A 316 -12.73 -6.88 13.44
CA ASP A 316 -13.97 -7.65 13.62
C ASP A 316 -13.86 -8.47 14.91
N PRO A 317 -14.70 -8.21 15.93
CA PRO A 317 -14.55 -8.92 17.21
C PRO A 317 -14.82 -10.41 17.14
N GLU A 318 -15.41 -10.93 16.05
CA GLU A 318 -15.54 -12.38 15.91
C GLU A 318 -14.23 -13.04 15.52
N VAL A 319 -13.22 -12.27 15.15
CA VAL A 319 -11.96 -12.80 14.62
C VAL A 319 -10.78 -12.42 15.49
N PHE A 320 -10.79 -11.20 16.04
CA PHE A 320 -9.68 -10.71 16.84
C PHE A 320 -10.19 -10.39 18.23
N GLN A 321 -9.52 -10.92 19.24
CA GLN A 321 -9.89 -10.63 20.61
C GLN A 321 -9.44 -9.23 20.99
N GLU A 322 -10.32 -8.49 21.65
CA GLU A 322 -10.05 -7.10 21.98
C GLU A 322 -9.57 -6.38 20.72
N PRO A 323 -10.39 -6.33 19.67
CA PRO A 323 -9.89 -5.85 18.37
C PRO A 323 -9.49 -4.39 18.37
N GLU A 324 -10.02 -3.57 19.28
CA GLU A 324 -9.69 -2.14 19.32
C GLU A 324 -8.43 -1.84 20.12
N ARG A 325 -7.82 -2.84 20.74
CA ARG A 325 -6.58 -2.68 21.48
C ARG A 325 -5.38 -3.00 20.57
N LEU A 326 -4.34 -2.17 20.67
CA LEU A 326 -3.07 -2.43 20.00
C LEU A 326 -2.28 -3.42 20.86
N VAL A 327 -2.12 -4.66 20.38
CA VAL A 327 -1.52 -5.75 21.15
C VAL A 327 -0.31 -6.24 20.37
N MET A 328 0.89 -5.83 20.81
CA MET A 328 2.07 -5.91 19.95
C MET A 328 2.60 -7.32 19.79
N ASP A 329 2.23 -8.24 20.68
CA ASP A 329 2.57 -9.65 20.54
C ASP A 329 1.36 -10.49 20.17
N ARG A 330 0.34 -9.88 19.57
CA ARG A 330 -0.92 -10.57 19.26
C ARG A 330 -0.67 -11.85 18.46
N GLY A 331 -1.16 -12.97 18.97
CA GLY A 331 -0.92 -14.25 18.36
C GLY A 331 -1.85 -14.59 17.21
N ALA A 332 -3.15 -14.54 17.45
CA ALA A 332 -4.12 -14.82 16.41
C ALA A 332 -4.34 -13.51 15.65
N ASN A 333 -3.75 -13.40 14.47
CA ASN A 333 -3.75 -12.15 13.72
C ASN A 333 -3.81 -12.45 12.23
N PRO A 334 -4.94 -13.00 11.75
CA PRO A 334 -5.11 -13.23 10.31
C PRO A 334 -5.58 -11.96 9.58
N HIS A 335 -4.82 -10.88 9.74
CA HIS A 335 -5.28 -9.60 9.21
C HIS A 335 -5.29 -9.60 7.68
N ILE A 336 -6.12 -8.73 7.13
CA ILE A 336 -6.22 -8.54 5.68
C ILE A 336 -5.46 -7.29 5.23
N GLY A 337 -4.45 -6.85 6.00
CA GLY A 337 -3.73 -5.63 5.67
C GLY A 337 -2.98 -5.68 4.35
N PHE A 338 -2.64 -6.87 3.86
CA PHE A 338 -2.04 -7.05 2.54
C PHE A 338 -3.03 -7.66 1.54
N GLY A 339 -4.32 -7.66 1.84
CA GLY A 339 -5.28 -8.31 0.94
C GLY A 339 -5.38 -9.81 1.13
N HIS A 340 -5.93 -10.49 0.11
CA HIS A 340 -6.22 -11.91 0.13
C HIS A 340 -6.64 -12.31 -1.28
N GLY A 341 -6.57 -13.60 -1.58
CA GLY A 341 -6.96 -14.04 -2.92
C GLY A 341 -5.88 -13.74 -3.95
N VAL A 342 -6.28 -13.75 -5.23
CA VAL A 342 -5.28 -13.68 -6.28
C VAL A 342 -4.53 -12.35 -6.26
N HIS A 343 -5.18 -11.27 -5.84
CA HIS A 343 -4.50 -9.96 -5.81
C HIS A 343 -3.77 -9.69 -4.50
N TYR A 344 -3.59 -10.71 -3.64
CA TYR A 344 -2.79 -10.56 -2.43
C TYR A 344 -1.47 -9.85 -2.74
N CYS A 345 -1.09 -8.90 -1.89
CA CYS A 345 -0.01 -7.98 -2.25
C CYS A 345 1.24 -8.70 -2.72
N VAL A 346 1.69 -8.42 -3.95
CA VAL A 346 2.93 -9.04 -4.40
C VAL A 346 4.14 -8.41 -3.71
N GLY A 347 3.98 -7.23 -3.13
CA GLY A 347 5.07 -6.62 -2.40
C GLY A 347 5.10 -6.95 -0.92
N ALA A 348 4.33 -7.94 -0.46
CA ALA A 348 4.16 -8.11 0.99
C ALA A 348 5.49 -8.42 1.67
N HIS A 349 6.31 -9.27 1.07
CA HIS A 349 7.56 -9.65 1.74
C HIS A 349 8.56 -8.49 1.73
N LEU A 350 8.61 -7.73 0.65
CA LEU A 350 9.46 -6.55 0.62
C LEU A 350 9.00 -5.49 1.62
N ALA A 351 7.70 -5.16 1.61
CA ALA A 351 7.19 -4.18 2.59
C ALA A 351 7.47 -4.64 4.02
N ARG A 352 7.15 -5.91 4.31
CA ARG A 352 7.44 -6.48 5.61
C ARG A 352 8.89 -6.28 6.01
N LEU A 353 9.80 -6.54 5.07
CA LEU A 353 11.22 -6.35 5.38
C LEU A 353 11.55 -4.88 5.62
N GLU A 354 11.01 -3.99 4.79
CA GLU A 354 11.27 -2.56 4.98
C GLU A 354 10.76 -2.07 6.34
N LEU A 355 9.57 -2.51 6.75
CA LEU A 355 9.00 -2.03 8.01
C LEU A 355 9.78 -2.58 9.20
N GLN A 356 10.17 -3.86 9.14
CA GLN A 356 10.99 -4.44 10.19
C GLN A 356 12.34 -3.73 10.30
N VAL A 357 13.03 -3.53 9.18
CA VAL A 357 14.35 -2.91 9.20
C VAL A 357 14.26 -1.47 9.70
N ALA A 358 13.29 -0.71 9.18
CA ALA A 358 13.10 0.65 9.63
C ALA A 358 13.01 0.72 11.15
N ILE A 359 12.13 -0.09 11.72
CA ILE A 359 11.94 -0.04 13.18
C ILE A 359 13.23 -0.46 13.88
N GLU A 360 13.82 -1.57 13.45
CA GLU A 360 15.05 -2.03 14.09
C GLU A 360 16.13 -0.95 14.08
N ARG A 361 16.37 -0.35 12.91
CA ARG A 361 17.49 0.59 12.79
C ARG A 361 17.21 1.88 13.55
N VAL A 362 16.03 2.46 13.36
CA VAL A 362 15.76 3.76 13.99
C VAL A 362 15.80 3.62 15.51
N LEU A 363 15.19 2.56 16.06
CA LEU A 363 15.14 2.41 17.52
C LEU A 363 16.53 2.18 18.12
N HIS A 364 17.37 1.39 17.44
CA HIS A 364 18.74 1.17 17.92
C HIS A 364 19.59 2.43 17.81
N ARG A 365 19.48 3.16 16.70
CA ARG A 365 20.34 4.31 16.47
C ARG A 365 19.96 5.47 17.39
N LEU A 366 18.66 5.67 17.65
CA LEU A 366 18.15 6.85 18.36
C LEU A 366 17.38 6.40 19.59
N PRO A 367 18.08 5.85 20.59
CA PRO A 367 17.39 5.35 21.80
C PRO A 367 16.57 6.42 22.51
N GLY A 368 16.93 7.69 22.37
CA GLY A 368 16.19 8.75 23.00
C GLY A 368 15.09 9.35 22.14
N MET A 369 14.73 8.73 21.01
CA MET A 369 13.78 9.35 20.08
C MET A 369 12.44 9.66 20.75
N ARG A 370 11.91 10.84 20.43
CA ARG A 370 10.64 11.28 20.96
C ARG A 370 10.04 12.33 20.02
N LEU A 371 8.72 12.51 20.11
CA LEU A 371 8.08 13.58 19.34
C LEU A 371 8.70 14.92 19.68
N ALA A 372 8.97 15.73 18.66
CA ALA A 372 9.52 17.06 18.89
C ALA A 372 8.44 18.14 18.97
N VAL A 373 7.18 17.77 18.79
CA VAL A 373 6.05 18.69 18.97
C VAL A 373 4.94 17.95 19.71
N PRO A 374 4.02 18.68 20.31
CA PRO A 374 2.85 18.03 20.91
C PRO A 374 2.06 17.27 19.87
N GLU A 375 1.42 16.19 20.30
CA GLU A 375 0.76 15.31 19.33
C GLU A 375 -0.40 16.02 18.64
N SER A 376 -1.14 16.85 19.38
CA SER A 376 -2.21 17.64 18.78
C SER A 376 -1.71 18.56 17.68
N GLU A 377 -0.41 18.83 17.61
CA GLU A 377 0.13 19.69 16.58
C GLU A 377 0.57 18.93 15.31
N LEU A 378 0.51 17.60 15.30
CA LEU A 378 0.83 16.87 14.08
C LEU A 378 -0.22 17.16 13.02
N SER A 379 0.21 17.33 11.78
CA SER A 379 -0.71 17.49 10.68
C SER A 379 -0.70 16.24 9.79
N TRP A 380 -1.89 15.69 9.59
CA TRP A 380 -2.09 14.56 8.70
C TRP A 380 -2.37 15.05 7.30
N LYS A 381 -1.92 14.28 6.32
CA LYS A 381 -2.13 14.67 4.92
C LYS A 381 -3.63 14.67 4.62
N GLN A 382 -4.08 15.73 3.97
CA GLN A 382 -5.49 15.92 3.65
C GLN A 382 -5.72 15.45 2.22
N ASP A 383 -6.88 14.86 1.98
CA ASP A 383 -7.23 14.45 0.62
C ASP A 383 -6.16 13.53 0.05
N ALA A 384 -5.63 12.63 0.89
CA ALA A 384 -4.67 11.64 0.47
C ALA A 384 -5.37 10.30 0.24
N MET A 385 -4.98 9.60 -0.83
CA MET A 385 -5.51 8.27 -1.09
C MET A 385 -5.02 7.25 -0.06
N VAL A 386 -3.84 7.49 0.51
CA VAL A 386 -3.23 6.66 1.53
C VAL A 386 -3.03 7.56 2.75
N ASN A 387 -3.47 7.09 3.92
CA ASN A 387 -3.32 7.89 5.12
C ASN A 387 -1.86 8.04 5.49
N GLY A 388 -1.48 9.23 5.94
CA GLY A 388 -0.10 9.45 6.33
C GLY A 388 0.09 10.84 6.85
N LEU A 389 1.22 11.02 7.51
CA LEU A 389 1.57 12.30 8.13
C LEU A 389 2.20 13.22 7.09
N GLN A 390 1.89 14.51 7.21
CA GLN A 390 2.63 15.51 6.43
C GLN A 390 4.08 15.58 6.88
N ALA A 391 4.31 15.58 8.19
CA ALA A 391 5.64 15.61 8.79
C ALA A 391 5.55 14.87 10.12
N LEU A 392 6.69 14.34 10.57
CA LEU A 392 6.79 13.64 11.86
C LEU A 392 8.00 14.18 12.60
N PRO A 393 7.85 15.31 13.31
CA PRO A 393 9.02 15.93 13.95
C PRO A 393 9.45 15.12 15.16
N VAL A 394 10.74 14.79 15.20
CA VAL A 394 11.29 14.00 16.30
C VAL A 394 12.57 14.66 16.80
N ALA A 395 12.83 14.46 18.09
CA ALA A 395 14.07 14.79 18.77
C ALA A 395 14.62 13.48 19.33
N TRP A 396 15.87 13.52 19.84
CA TRP A 396 16.48 12.28 20.35
C TRP A 396 17.69 12.54 21.24
C1 EIU B . -2.05 0.96 -6.33
C10 EIU B . -1.14 1.42 -0.56
C11 EIU B . -3.84 -0.75 -2.21
C12 EIU B . -4.44 0.08 -5.95
C13 EIU B . -5.10 1.23 -6.72
C14 EIU B . -5.00 1.39 -8.06
C15 EIU B . -2.30 2.28 -7.06
C16 EIU B . -2.04 2.42 -8.53
C17 EIU B . -5.69 2.53 -8.76
C18 EIU B . -5.45 2.93 -10.00
C19 EIU B . -2.28 3.62 -9.05
C2 EIU B . -3.14 0.60 -5.32
C20 EIU B . -1.80 4.06 -10.23
C21 EIU B . -6.12 4.03 -10.69
C24 EIU B . -3.36 5.49 -14.28
C25 EIU B . -1.98 6.89 -12.68
C26 EIU B . -3.26 6.81 -13.50
C27 EIU B . -6.40 5.63 -12.60
C28 EIU B . -5.76 4.50 -11.93
C3 EIU B . -0.77 1.05 -5.47
C30 EIU B . -4.72 4.84 -14.07
C31 EIU B . -4.76 3.94 -12.82
C34 EIU B . -2.24 5.40 -10.74
C4 EIU B . -0.90 -0.23 -4.61
C5 EIU B . -2.42 -0.37 -4.33
C6 EIU B . -0.20 -0.09 -3.24
C7 EIU B . -1.29 -0.52 -2.26
C8 EIU B . -2.63 -0.04 -2.83
C9 EIU B . -1.08 -0.09 -0.80
N23 EIU B . -1.72 5.66 -11.95
N29 EIU B . -5.79 5.78 -13.80
O22 EIU B . -7.17 4.58 -10.06
O32 EIU B . -7.31 6.33 -12.17
O33 EIU B . -4.06 2.95 -12.69
O35 EIU B . -2.98 6.21 -10.16
O36 EIU B . -5.32 -0.30 -4.89
CHA HEM C . -1.84 -5.30 -3.94
CHB HEM C . -1.30 -3.38 0.49
CHC HEM C . 3.39 -2.55 -0.39
CHD HEM C . 2.66 -3.89 -5.00
C1A HEM C . -2.08 -4.89 -2.65
C2A HEM C . -3.34 -5.02 -1.95
C3A HEM C . -3.19 -4.50 -0.73
C4A HEM C . -1.84 -4.01 -0.61
CMA HEM C . -4.26 -4.42 0.38
CAA HEM C . -4.63 -5.67 -2.51
CBA HEM C . -5.48 -4.64 -3.23
CGA HEM C . -6.78 -5.25 -3.70
O1A HEM C . -7.62 -4.48 -4.22
O2A HEM C . -6.98 -6.49 -3.57
C1B HEM C . -0.01 -2.97 0.63
C2B HEM C . 0.56 -2.34 1.80
C3B HEM C . 1.86 -2.08 1.57
C4B HEM C . 2.17 -2.57 0.23
CMB HEM C . -0.28 -2.03 3.05
CAB HEM C . 2.92 -1.45 2.49
CBB HEM C . 2.71 -1.38 3.80
C1C HEM C . 3.61 -2.88 -1.72
C2C HEM C . 4.87 -2.78 -2.42
C3C HEM C . 4.66 -3.16 -3.70
C4C HEM C . 3.27 -3.50 -3.83
CMC HEM C . 6.18 -2.33 -1.72
CAC HEM C . 5.62 -3.26 -4.91
CBC HEM C . 6.93 -3.08 -4.77
C1D HEM C . 1.38 -4.38 -5.10
C2D HEM C . 0.80 -4.88 -6.33
C3D HEM C . -0.45 -5.27 -6.05
C4D HEM C . -0.68 -5.03 -4.64
CMD HEM C . 1.54 -4.91 -7.69
CAD HEM C . -1.45 -5.89 -7.06
CBD HEM C . -1.24 -7.42 -7.01
CGD HEM C . -2.17 -8.16 -7.94
O1D HEM C . -3.25 -7.64 -8.30
O2D HEM C . -1.81 -9.31 -8.31
NA HEM C . -1.18 -4.27 -1.80
NB HEM C . 1.00 -3.10 -0.31
NC HEM C . 2.66 -3.33 -2.61
ND HEM C . 0.46 -4.48 -4.10
FE HEM C . 0.84 -4.06 -2.12
HHB HEM C . -1.91 -3.21 1.24
HHC HEM C . 4.17 -2.29 0.14
HHD HEM C . 3.19 -3.82 -5.81
HMA HEM C . -4.81 -5.23 0.35
HMAA HEM C . -4.83 -3.64 0.24
HMAB HEM C . -3.82 -4.36 1.25
HAA HEM C . -5.14 -6.06 -1.77
HAAA HEM C . -4.39 -6.38 -3.13
HBA HEM C . -5.67 -3.91 -2.63
HBAA HEM C . -4.99 -4.30 -4.00
HMB HEM C . -1.19 -2.35 2.93
HMBA HEM C . -0.29 -1.08 3.21
HMBB HEM C . 0.11 -2.47 3.83
HAB HEM C . 3.73 -1.11 2.12
HBB HEM C . 3.38 -0.99 4.38
HBBA HEM C . 1.89 -1.73 4.19
HMC HEM C . 6.00 -2.18 -0.78
HMCA HEM C . 6.49 -1.51 -2.13
HMCB HEM C . 6.85 -3.01 -1.82
HAC HEM C . 5.27 -3.47 -5.78
HBC HEM C . 7.30 -2.87 -3.90
HBCA HEM C . 7.52 -3.15 -5.53
HMD HEM C . 2.51 -4.99 -7.54
HMDA HEM C . 1.36 -4.09 -8.18
HMDB HEM C . 1.24 -5.68 -8.22
HAD HEM C . -2.36 -5.67 -6.80
HADA HEM C . -1.28 -5.57 -7.95
HBD HEM C . -0.33 -7.62 -7.25
HBDA HEM C . -1.42 -7.72 -6.10
HHA HEM C . -2.53 -5.82 -4.40
NA NA D . 23.49 0.91 16.82
#